data_5WEC
#
_entry.id   5WEC
#
_cell.length_a   54.890
_cell.length_b   60.120
_cell.length_c   73.830
_cell.angle_alpha   90.000
_cell.angle_beta   90.000
_cell.angle_gamma   90.000
#
_symmetry.space_group_name_H-M   'P 21 21 21'
#
loop_
_entity.id
_entity.type
_entity.pdbx_description
1 polymer Lipoprotein
2 water water
#
_entity_poly.entity_id   1
_entity_poly.type   'polypeptide(L)'
_entity_poly.pdbx_seq_one_letter_code
;GAMDKIQSITGSVAYRERIALPDNAVVTVYLQDVSLADAPATVIAKQNFITNGMQVPLEFNLAYDSRKIKASHRYSVSAR
IEVDGKLRFITDTHYGVITDPEATKHVPMMLIGVHGE
;
_entity_poly.pdbx_strand_id   A,B
#
# COMPACT_ATOMS: atom_id res chain seq x y z
N LYS A 5 15.26 11.20 -0.40
CA LYS A 5 15.34 9.75 -0.36
C LYS A 5 14.03 9.17 0.17
N ILE A 6 13.40 8.30 -0.63
CA ILE A 6 12.29 7.47 -0.16
C ILE A 6 12.88 6.29 0.58
N GLN A 7 12.38 6.04 1.79
CA GLN A 7 12.81 4.92 2.61
C GLN A 7 11.58 4.12 3.00
N SER A 8 11.79 2.93 3.58
CA SER A 8 10.72 1.98 3.78
C SER A 8 10.78 1.29 5.13
N ILE A 9 9.60 1.01 5.67
CA ILE A 9 9.40 0.04 6.75
C ILE A 9 8.73 -1.16 6.13
N THR A 10 9.26 -2.35 6.36
CA THR A 10 8.63 -3.58 5.93
C THR A 10 8.14 -4.35 7.15
N GLY A 11 7.36 -5.39 6.91
CA GLY A 11 6.91 -6.19 8.03
C GLY A 11 5.73 -7.04 7.63
N SER A 12 5.04 -7.53 8.65
CA SER A 12 3.88 -8.37 8.45
C SER A 12 2.80 -8.00 9.45
N VAL A 13 1.58 -8.37 9.09
CA VAL A 13 0.40 -8.17 9.91
C VAL A 13 -0.17 -9.55 10.20
N ALA A 14 -0.29 -9.89 11.48
CA ALA A 14 -0.82 -11.18 11.88
C ALA A 14 -1.74 -11.01 13.06
N TYR A 15 -2.44 -12.08 13.39
CA TYR A 15 -3.24 -12.18 14.59
C TYR A 15 -3.23 -13.66 15.02
N ARG A 16 -3.64 -13.90 16.26
CA ARG A 16 -3.58 -15.25 16.85
C ARG A 16 -4.77 -16.12 16.48
N GLU A 17 -5.95 -15.53 16.36
CA GLU A 17 -7.18 -16.29 16.14
C GLU A 17 -7.08 -17.19 14.92
N ARG A 18 -7.54 -18.44 15.06
CA ARG A 18 -7.63 -19.36 13.92
C ARG A 18 -8.91 -19.06 13.15
N ILE A 19 -8.89 -17.93 12.46
CA ILE A 19 -10.00 -17.53 11.60
C ILE A 19 -9.41 -16.87 10.36
N ALA A 20 -10.12 -17.01 9.25
CA ALA A 20 -9.64 -16.54 7.97
C ALA A 20 -10.25 -15.18 7.66
N LEU A 21 -9.54 -14.43 6.81
CA LEU A 21 -10.03 -13.15 6.35
C LEU A 21 -10.81 -13.31 5.06
N PRO A 22 -12.00 -12.71 4.94
CA PRO A 22 -12.71 -12.74 3.65
C PRO A 22 -11.94 -11.93 2.61
N ASP A 23 -12.36 -12.08 1.36
CA ASP A 23 -11.66 -11.45 0.25
C ASP A 23 -11.72 -9.92 0.32
N ASN A 24 -12.70 -9.36 1.03
CA ASN A 24 -12.91 -7.92 1.07
C ASN A 24 -12.34 -7.27 2.32
N ALA A 25 -11.48 -7.97 3.06
CA ALA A 25 -10.83 -7.36 4.21
C ALA A 25 -9.88 -6.25 3.78
N VAL A 26 -9.88 -5.16 4.55
CA VAL A 26 -9.06 -3.98 4.28
C VAL A 26 -8.05 -3.85 5.41
N VAL A 27 -6.76 -3.84 5.06
CA VAL A 27 -5.67 -3.67 6.01
C VAL A 27 -5.14 -2.25 5.88
N THR A 28 -5.03 -1.55 6.99
CA THR A 28 -4.38 -0.25 7.01
C THR A 28 -3.15 -0.32 7.90
N VAL A 29 -2.03 0.19 7.41
CA VAL A 29 -0.78 0.26 8.16
C VAL A 29 -0.35 1.71 8.24
N TYR A 30 0.07 2.13 9.43
CA TYR A 30 0.42 3.52 9.73
C TYR A 30 1.84 3.60 10.27
N LEU A 31 2.55 4.66 9.90
CA LEU A 31 3.80 5.07 10.54
C LEU A 31 3.55 6.43 11.16
N GLN A 32 3.77 6.54 12.46
CA GLN A 32 3.43 7.75 13.20
C GLN A 32 4.54 8.18 14.13
N ASP A 33 4.60 9.49 14.36
CA ASP A 33 5.45 10.10 15.37
C ASP A 33 4.72 10.04 16.70
N VAL A 34 5.21 9.20 17.62
CA VAL A 34 4.56 9.01 18.91
C VAL A 34 5.43 9.57 20.03
N SER A 35 6.18 10.63 19.70
CA SER A 35 7.03 11.27 20.70
C SER A 35 6.22 11.82 21.87
N LEU A 36 5.02 12.32 21.60
CA LEU A 36 4.17 12.94 22.61
C LEU A 36 2.91 12.11 22.80
N ALA A 37 2.55 11.86 24.06
CA ALA A 37 1.39 11.02 24.35
C ALA A 37 0.08 11.75 24.05
N ASP A 38 0.04 13.07 24.25
CA ASP A 38 -1.19 13.82 24.13
C ASP A 38 -1.39 14.45 22.75
N ALA A 39 -0.34 14.61 21.98
CA ALA A 39 -0.47 15.29 20.70
C ALA A 39 -1.20 14.40 19.69
N PRO A 40 -1.79 14.98 18.66
CA PRO A 40 -2.32 14.13 17.60
C PRO A 40 -1.16 13.44 16.90
N ALA A 41 -1.04 12.13 17.07
CA ALA A 41 0.09 11.40 16.50
C ALA A 41 0.22 11.73 15.02
N THR A 42 1.33 12.35 14.66
CA THR A 42 1.53 12.79 13.30
C THR A 42 1.77 11.60 12.40
N VAL A 43 1.03 11.52 11.29
CA VAL A 43 1.15 10.40 10.37
C VAL A 43 2.29 10.70 9.40
N ILE A 44 3.31 9.85 9.42
CA ILE A 44 4.41 9.96 8.48
C ILE A 44 4.07 9.25 7.18
N ALA A 45 3.38 8.12 7.27
CA ALA A 45 3.05 7.31 6.11
C ALA A 45 1.84 6.47 6.45
N LYS A 46 1.06 6.13 5.43
CA LYS A 46 -0.12 5.29 5.60
C LYS A 46 -0.40 4.60 4.29
N GLN A 47 -0.66 3.30 4.36
CA GLN A 47 -1.12 2.56 3.20
C GLN A 47 -2.25 1.64 3.62
N ASN A 48 -3.11 1.33 2.67
CA ASN A 48 -4.09 0.29 2.88
C ASN A 48 -4.12 -0.60 1.65
N PHE A 49 -4.57 -1.83 1.87
CA PHE A 49 -4.67 -2.80 0.79
C PHE A 49 -5.75 -3.80 1.14
N ILE A 50 -6.27 -4.44 0.10
CA ILE A 50 -7.32 -5.45 0.26
C ILE A 50 -6.65 -6.81 0.24
N THR A 51 -7.21 -7.76 0.99
CA THR A 51 -6.55 -9.04 1.14
C THR A 51 -6.84 -9.98 -0.03
N ASN A 52 -8.08 -10.00 -0.51
CA ASN A 52 -8.54 -10.85 -1.61
C ASN A 52 -7.82 -12.19 -1.66
N GLY A 53 -7.93 -12.97 -0.59
CA GLY A 53 -7.40 -14.32 -0.53
C GLY A 53 -6.15 -14.46 0.31
N MET A 54 -5.37 -13.39 0.41
CA MET A 54 -4.19 -13.43 1.28
C MET A 54 -4.62 -13.63 2.73
N GLN A 55 -3.81 -14.38 3.47
CA GLN A 55 -4.08 -14.66 4.87
C GLN A 55 -2.84 -14.35 5.69
N VAL A 56 -3.02 -14.23 7.00
CA VAL A 56 -1.90 -13.82 7.84
C VAL A 56 -0.85 -14.91 7.82
N PRO A 57 0.45 -14.56 7.91
CA PRO A 57 0.93 -13.19 8.03
C PRO A 57 0.90 -12.44 6.70
N LEU A 58 0.30 -11.25 6.70
CA LEU A 58 0.23 -10.40 5.53
C LEU A 58 1.45 -9.49 5.46
N GLU A 59 2.06 -9.41 4.29
CA GLU A 59 3.24 -8.59 4.10
C GLU A 59 2.85 -7.15 3.78
N PHE A 60 3.68 -6.22 4.23
CA PHE A 60 3.52 -4.82 3.86
C PHE A 60 4.89 -4.18 3.64
N ASN A 61 4.91 -3.16 2.79
CA ASN A 61 6.10 -2.35 2.56
C ASN A 61 5.63 -0.90 2.54
N LEU A 62 5.98 -0.15 3.59
CA LEU A 62 5.46 1.18 3.84
C LEU A 62 6.55 2.19 3.50
N ALA A 63 6.32 3.00 2.47
CA ALA A 63 7.28 3.99 2.03
C ALA A 63 7.03 5.33 2.70
N TYR A 64 8.10 6.07 2.97
CA TYR A 64 7.98 7.38 3.57
C TYR A 64 9.11 8.29 3.11
N ASP A 65 8.87 9.59 3.24
CA ASP A 65 9.84 10.62 2.90
C ASP A 65 10.84 10.77 4.04
N SER A 66 12.11 10.46 3.77
CA SER A 66 13.13 10.50 4.80
C SER A 66 13.27 11.86 5.46
N ARG A 67 12.88 12.93 4.77
CA ARG A 67 12.99 14.26 5.35
C ARG A 67 12.02 14.46 6.51
N LYS A 68 10.99 13.63 6.61
CA LYS A 68 10.03 13.75 7.71
C LYS A 68 10.59 13.30 9.05
N ILE A 69 11.73 12.61 9.07
CA ILE A 69 12.24 12.00 10.30
C ILE A 69 13.08 13.03 11.07
N LYS A 70 12.81 13.15 12.37
CA LYS A 70 13.47 14.11 13.24
C LYS A 70 14.27 13.39 14.32
N ALA A 71 15.47 13.88 14.58
CA ALA A 71 16.35 13.23 15.53
C ALA A 71 15.69 13.14 16.90
N SER A 72 15.82 11.97 17.52
CA SER A 72 15.38 11.67 18.88
C SER A 72 13.86 11.56 19.01
N HIS A 73 13.10 11.81 17.94
CA HIS A 73 11.66 11.53 18.00
C HIS A 73 11.43 10.02 18.04
N ARG A 74 10.28 9.64 18.60
CA ARG A 74 9.87 8.25 18.65
C ARG A 74 8.90 7.96 17.51
N TYR A 75 9.09 6.85 16.83
CA TYR A 75 8.24 6.45 15.72
C TYR A 75 7.76 5.02 15.94
N SER A 76 6.52 4.76 15.53
CA SER A 76 5.91 3.46 15.71
CA SER A 76 5.92 3.45 15.69
C SER A 76 5.07 3.12 14.48
N VAL A 77 4.98 1.83 14.19
CA VAL A 77 4.04 1.34 13.19
C VAL A 77 2.86 0.75 13.92
N SER A 78 1.69 0.83 13.30
CA SER A 78 0.46 0.28 13.83
C SER A 78 -0.38 -0.17 12.66
N ALA A 79 -1.49 -0.84 12.94
CA ALA A 79 -2.29 -1.39 11.87
C ALA A 79 -3.68 -1.71 12.39
N ARG A 80 -4.61 -1.81 11.45
CA ARG A 80 -5.93 -2.32 11.72
C ARG A 80 -6.44 -3.10 10.52
N ILE A 81 -7.42 -3.96 10.76
CA ILE A 81 -8.11 -4.70 9.70
C ILE A 81 -9.61 -4.49 9.89
N GLU A 82 -10.28 -4.07 8.82
CA GLU A 82 -11.72 -3.85 8.83
C GLU A 82 -12.35 -4.70 7.74
N VAL A 83 -13.58 -5.14 8.00
CA VAL A 83 -14.35 -5.93 7.04
C VAL A 83 -15.76 -5.35 6.99
N ASP A 84 -16.16 -4.89 5.80
CA ASP A 84 -17.48 -4.28 5.60
C ASP A 84 -17.71 -3.15 6.60
N GLY A 85 -16.66 -2.37 6.86
CA GLY A 85 -16.76 -1.23 7.74
C GLY A 85 -16.67 -1.54 9.22
N LYS A 86 -16.46 -2.79 9.59
CA LYS A 86 -16.40 -3.18 10.99
C LYS A 86 -14.97 -3.53 11.36
N LEU A 87 -14.48 -2.92 12.44
CA LEU A 87 -13.14 -3.22 12.93
C LEU A 87 -13.07 -4.65 13.44
N ARG A 88 -12.12 -5.43 12.92
CA ARG A 88 -11.96 -6.82 13.30
C ARG A 88 -10.64 -7.12 14.02
N PHE A 89 -9.58 -6.36 13.73
CA PHE A 89 -8.27 -6.56 14.34
C PHE A 89 -7.56 -5.21 14.43
N ILE A 90 -6.76 -5.02 15.48
CA ILE A 90 -6.05 -3.77 15.69
C ILE A 90 -4.80 -4.02 16.52
N THR A 91 -3.75 -3.25 16.27
CA THR A 91 -2.56 -3.35 17.11
C THR A 91 -2.84 -2.77 18.50
N ASP A 92 -2.20 -3.35 19.51
CA ASP A 92 -2.36 -2.95 20.89
C ASP A 92 -1.00 -2.85 21.57
N THR A 93 0.06 -2.64 20.79
CA THR A 93 1.45 -2.71 21.20
C THR A 93 2.22 -1.59 20.51
N HIS A 94 3.21 -1.03 21.21
CA HIS A 94 4.16 -0.12 20.58
C HIS A 94 5.14 -0.92 19.73
N TYR A 95 5.24 -0.55 18.45
CA TYR A 95 6.21 -1.17 17.54
C TYR A 95 7.18 -0.08 17.09
N GLY A 96 8.22 0.14 17.91
CA GLY A 96 9.16 1.22 17.63
C GLY A 96 10.01 0.91 16.41
N VAL A 97 10.19 1.93 15.56
CA VAL A 97 10.99 1.82 14.35
C VAL A 97 11.88 3.05 14.20
N ILE A 98 12.92 2.89 13.37
CA ILE A 98 13.79 3.95 12.88
C ILE A 98 14.73 4.46 13.96
N THR A 99 14.17 5.02 15.04
CA THR A 99 14.94 5.62 16.12
C THR A 99 14.87 4.83 17.41
N ASP A 100 14.23 3.67 17.42
CA ASP A 100 14.25 2.80 18.56
C ASP A 100 15.66 2.30 18.79
N PRO A 101 15.94 1.67 19.94
CA PRO A 101 17.32 1.25 20.23
C PRO A 101 17.90 0.25 19.22
N GLU A 102 17.07 -0.41 18.40
CA GLU A 102 17.55 -1.31 17.38
C GLU A 102 17.50 -0.72 15.98
N ALA A 103 17.09 0.54 15.84
CA ALA A 103 16.85 1.16 14.53
C ALA A 103 16.12 0.18 13.61
N THR A 104 14.94 -0.22 14.09
CA THR A 104 14.18 -1.28 13.44
C THR A 104 13.56 -0.81 12.13
N LYS A 105 13.65 -1.67 11.12
CA LYS A 105 13.08 -1.43 9.80
C LYS A 105 12.09 -2.50 9.37
N HIS A 106 12.08 -3.65 10.05
CA HIS A 106 11.20 -4.75 9.69
C HIS A 106 10.43 -5.18 10.93
N VAL A 107 9.10 -5.15 10.86
CA VAL A 107 8.27 -5.33 12.04
C VAL A 107 7.21 -6.40 11.79
N PRO A 108 7.29 -7.54 12.47
CA PRO A 108 6.16 -8.47 12.48
C PRO A 108 5.14 -8.07 13.54
N MET A 109 4.02 -7.48 13.14
CA MET A 109 3.03 -7.00 14.08
C MET A 109 2.02 -8.09 14.40
N MET A 110 1.61 -8.15 15.66
CA MET A 110 0.55 -9.05 16.11
C MET A 110 -0.62 -8.19 16.58
N LEU A 111 -1.76 -8.34 15.91
CA LEU A 111 -2.94 -7.56 16.20
C LEU A 111 -3.87 -8.35 17.10
N ILE A 112 -4.60 -7.65 17.95
CA ILE A 112 -5.62 -8.28 18.78
C ILE A 112 -6.94 -8.28 18.03
N GLY A 113 -7.80 -9.23 18.39
CA GLY A 113 -9.10 -9.32 17.78
C GLY A 113 -10.11 -8.38 18.43
N VAL A 114 -11.07 -7.96 17.63
CA VAL A 114 -12.19 -7.13 18.04
C VAL A 114 -13.43 -7.92 17.65
N HIS A 115 -14.06 -8.56 18.63
CA HIS A 115 -15.11 -9.53 18.35
C HIS A 115 -16.46 -8.94 18.72
N GLY A 116 -16.90 -7.98 17.91
CA GLY A 116 -18.22 -7.39 18.06
C GLY A 116 -19.29 -8.27 17.47
N LYS B 5 3.29 -18.16 -1.35
CA LYS B 5 1.87 -17.92 -1.12
C LYS B 5 1.49 -16.50 -1.50
N ILE B 6 2.25 -15.55 -0.97
CA ILE B 6 2.10 -14.14 -1.31
C ILE B 6 3.23 -13.75 -2.26
N GLN B 7 2.87 -13.14 -3.37
CA GLN B 7 3.83 -12.60 -4.33
C GLN B 7 3.50 -11.13 -4.56
N SER B 8 4.37 -10.42 -5.29
CA SER B 8 4.25 -8.98 -5.41
C SER B 8 4.56 -8.49 -6.82
N ILE B 9 3.84 -7.45 -7.24
CA ILE B 9 4.27 -6.58 -8.32
C ILE B 9 4.91 -5.35 -7.68
N THR B 10 6.13 -5.04 -8.07
CA THR B 10 6.77 -3.80 -7.65
C THR B 10 6.81 -2.84 -8.83
N GLY B 11 7.18 -1.60 -8.56
CA GLY B 11 7.29 -0.65 -9.64
C GLY B 11 7.30 0.77 -9.12
N SER B 12 7.06 1.69 -10.03
CA SER B 12 7.04 3.10 -9.69
C SER B 12 5.90 3.79 -10.42
N VAL B 13 5.50 4.92 -9.87
CA VAL B 13 4.48 5.79 -10.44
C VAL B 13 5.15 7.13 -10.73
N ALA B 14 5.09 7.56 -11.99
CA ALA B 14 5.69 8.83 -12.38
C ALA B 14 4.79 9.55 -13.37
N TYR B 15 5.16 10.80 -13.65
CA TYR B 15 4.55 11.59 -14.70
C TYR B 15 5.60 12.57 -15.20
N ARG B 16 5.31 13.20 -16.35
CA ARG B 16 6.29 14.05 -17.00
C ARG B 16 6.16 15.52 -16.63
N GLU B 17 5.00 15.97 -16.18
CA GLU B 17 4.82 17.36 -15.80
C GLU B 17 5.79 17.73 -14.67
N ARG B 18 6.29 18.96 -14.72
CA ARG B 18 7.22 19.46 -13.71
C ARG B 18 6.40 20.17 -12.63
N ILE B 19 5.79 19.37 -11.76
CA ILE B 19 4.95 19.87 -10.70
C ILE B 19 5.05 18.90 -9.53
N ALA B 20 4.99 19.44 -8.32
CA ALA B 20 5.10 18.63 -7.12
C ALA B 20 3.73 18.19 -6.64
N LEU B 21 3.71 17.08 -5.93
CA LEU B 21 2.48 16.63 -5.28
C LEU B 21 2.41 17.17 -3.86
N PRO B 22 1.23 17.61 -3.43
CA PRO B 22 1.07 18.02 -2.03
C PRO B 22 1.12 16.82 -1.10
N ASP B 23 1.30 17.10 0.19
CA ASP B 23 1.43 16.02 1.17
C ASP B 23 0.19 15.13 1.22
N ASN B 24 -0.98 15.64 0.85
CA ASN B 24 -2.22 14.89 0.97
C ASN B 24 -2.60 14.14 -0.30
N ALA B 25 -1.72 14.08 -1.30
CA ALA B 25 -2.00 13.31 -2.49
C ALA B 25 -2.11 11.82 -2.16
N VAL B 26 -3.00 11.13 -2.87
CA VAL B 26 -3.28 9.71 -2.64
C VAL B 26 -2.99 8.96 -3.94
N VAL B 27 -2.11 7.96 -3.86
CA VAL B 27 -1.79 7.08 -4.98
C VAL B 27 -2.55 5.79 -4.81
N THR B 28 -3.18 5.32 -5.88
CA THR B 28 -3.80 4.00 -5.89
C THR B 28 -3.22 3.19 -7.05
N VAL B 29 -2.84 1.95 -6.75
CA VAL B 29 -2.32 1.01 -7.75
C VAL B 29 -3.19 -0.23 -7.73
N TYR B 30 -3.48 -0.77 -8.91
CA TYR B 30 -4.40 -1.88 -9.09
C TYR B 30 -3.75 -2.98 -9.93
N LEU B 31 -4.10 -4.22 -9.60
CA LEU B 31 -3.80 -5.40 -10.40
C LEU B 31 -5.12 -6.03 -10.84
N GLN B 32 -5.28 -6.27 -12.15
CA GLN B 32 -6.54 -6.75 -12.70
C GLN B 32 -6.32 -7.88 -13.70
N ASP B 33 -7.31 -8.77 -13.75
CA ASP B 33 -7.43 -9.81 -14.77
C ASP B 33 -8.19 -9.22 -15.95
N VAL B 34 -7.50 -9.05 -17.07
CA VAL B 34 -8.08 -8.40 -18.25
C VAL B 34 -8.28 -9.42 -19.36
N SER B 35 -8.45 -10.68 -18.99
CA SER B 35 -8.60 -11.76 -19.99
C SER B 35 -9.89 -11.59 -20.78
N LEU B 36 -10.97 -11.23 -20.11
CA LEU B 36 -12.29 -11.18 -20.72
C LEU B 36 -12.83 -9.77 -20.89
N ALA B 37 -12.18 -8.78 -20.29
CA ALA B 37 -12.62 -7.40 -20.37
C ALA B 37 -11.40 -6.49 -20.31
N ASP B 38 -11.40 -5.45 -21.15
CA ASP B 38 -10.27 -4.53 -21.16
C ASP B 38 -10.27 -3.62 -19.94
N ALA B 39 -11.45 -3.28 -19.42
CA ALA B 39 -11.57 -2.35 -18.29
C ALA B 39 -12.50 -2.95 -17.24
N PRO B 40 -12.12 -4.06 -16.63
CA PRO B 40 -12.90 -4.59 -15.52
C PRO B 40 -12.79 -3.65 -14.35
N ALA B 41 -13.84 -3.62 -13.54
CA ALA B 41 -13.75 -2.84 -12.31
C ALA B 41 -13.26 -3.69 -11.15
N THR B 42 -13.49 -5.00 -11.21
CA THR B 42 -12.97 -5.93 -10.21
C THR B 42 -11.45 -5.94 -10.25
N VAL B 43 -10.84 -6.14 -9.09
CA VAL B 43 -9.39 -6.18 -8.98
C VAL B 43 -8.94 -7.48 -8.34
N ILE B 44 -7.73 -7.89 -8.67
CA ILE B 44 -7.04 -8.95 -7.94
C ILE B 44 -6.40 -8.38 -6.68
N ALA B 45 -5.83 -7.18 -6.79
CA ALA B 45 -5.18 -6.52 -5.67
C ALA B 45 -5.29 -5.02 -5.87
N LYS B 46 -5.30 -4.29 -4.77
CA LYS B 46 -5.37 -2.84 -4.82
C LYS B 46 -4.70 -2.28 -3.57
N GLN B 47 -3.85 -1.29 -3.77
CA GLN B 47 -3.12 -0.64 -2.69
C GLN B 47 -3.29 0.86 -2.86
N ASN B 48 -3.44 1.58 -1.76
CA ASN B 48 -3.31 3.03 -1.86
C ASN B 48 -2.45 3.53 -0.72
N PHE B 49 -1.78 4.65 -0.97
CA PHE B 49 -0.93 5.26 0.03
C PHE B 49 -0.90 6.78 -0.18
N ILE B 50 -0.67 7.47 0.93
CA ILE B 50 -0.48 8.92 0.91
C ILE B 50 0.96 9.22 0.55
N THR B 51 1.17 10.34 -0.14
CA THR B 51 2.52 10.68 -0.58
C THR B 51 3.28 11.41 0.53
N ASN B 52 2.60 12.27 1.27
CA ASN B 52 3.17 13.03 2.39
C ASN B 52 4.64 13.39 2.20
N GLY B 53 4.92 14.16 1.14
CA GLY B 53 6.26 14.64 0.88
C GLY B 53 6.98 13.88 -0.23
N MET B 54 6.66 12.61 -0.42
CA MET B 54 7.30 11.85 -1.48
C MET B 54 6.89 12.42 -2.84
N GLN B 55 7.83 12.35 -3.78
CA GLN B 55 7.63 12.87 -5.13
C GLN B 55 8.02 11.80 -6.14
N VAL B 56 7.59 11.99 -7.39
CA VAL B 56 7.82 10.97 -8.41
C VAL B 56 9.32 10.86 -8.68
N PRO B 57 9.84 9.67 -9.02
CA PRO B 57 9.06 8.43 -9.12
C PRO B 57 8.72 7.86 -7.74
N LEU B 58 7.45 7.55 -7.55
CA LEU B 58 6.98 6.95 -6.32
C LEU B 58 7.04 5.44 -6.42
N GLU B 59 7.50 4.81 -5.35
CA GLU B 59 7.63 3.35 -5.32
C GLU B 59 6.35 2.71 -4.81
N PHE B 60 6.05 1.53 -5.35
CA PHE B 60 4.95 0.73 -4.81
C PHE B 60 5.35 -0.74 -4.77
N ASN B 61 4.70 -1.48 -3.88
CA ASN B 61 4.88 -2.92 -3.76
C ASN B 61 3.50 -3.51 -3.51
N LEU B 62 2.93 -4.14 -4.54
CA LEU B 62 1.54 -4.58 -4.55
C LEU B 62 1.51 -6.09 -4.36
N ALA B 63 1.09 -6.52 -3.16
CA ALA B 63 1.05 -7.93 -2.84
C ALA B 63 -0.24 -8.57 -3.35
N TYR B 64 -0.16 -9.84 -3.72
CA TYR B 64 -1.35 -10.56 -4.15
C TYR B 64 -1.26 -12.03 -3.79
N ASP B 65 -2.42 -12.67 -3.77
CA ASP B 65 -2.56 -14.10 -3.49
C ASP B 65 -2.20 -14.87 -4.76
N SER B 66 -1.02 -15.52 -4.75
CA SER B 66 -0.53 -16.13 -5.98
C SER B 66 -1.49 -17.19 -6.52
N ARG B 67 -2.33 -17.77 -5.66
CA ARG B 67 -3.32 -18.73 -6.13
C ARG B 67 -4.34 -18.12 -7.07
N LYS B 68 -4.51 -16.80 -7.06
CA LYS B 68 -5.48 -16.15 -7.93
C LYS B 68 -4.98 -15.99 -9.37
N ILE B 69 -3.78 -16.47 -9.67
CA ILE B 69 -3.16 -16.28 -10.99
C ILE B 69 -3.25 -17.58 -11.77
N LYS B 70 -3.71 -17.49 -13.02
CA LYS B 70 -3.71 -18.60 -13.96
C LYS B 70 -2.82 -18.27 -15.14
N ALA B 71 -1.99 -19.24 -15.54
CA ALA B 71 -0.99 -18.98 -16.58
C ALA B 71 -1.61 -18.57 -17.91
N SER B 72 -2.85 -18.98 -18.17
CA SER B 72 -3.50 -18.68 -19.43
C SER B 72 -4.24 -17.36 -19.43
N HIS B 73 -4.28 -16.66 -18.30
CA HIS B 73 -4.99 -15.40 -18.22
C HIS B 73 -4.04 -14.24 -18.48
N ARG B 74 -4.63 -13.08 -18.79
CA ARG B 74 -3.91 -11.84 -19.01
C ARG B 74 -4.13 -10.91 -17.82
N TYR B 75 -3.07 -10.28 -17.35
CA TYR B 75 -3.11 -9.40 -16.19
C TYR B 75 -2.43 -8.09 -16.50
N SER B 76 -2.92 -7.01 -15.87
CA SER B 76 -2.39 -5.67 -16.08
CA SER B 76 -2.38 -5.69 -16.08
C SER B 76 -2.44 -4.90 -14.78
N VAL B 77 -1.53 -3.93 -14.65
CA VAL B 77 -1.55 -3.00 -13.53
C VAL B 77 -1.89 -1.61 -14.07
N SER B 78 -2.47 -0.81 -13.20
CA SER B 78 -2.80 0.57 -13.51
CA SER B 78 -2.87 0.56 -13.50
C SER B 78 -2.65 1.38 -12.23
N ALA B 79 -2.74 2.71 -12.38
CA ALA B 79 -2.54 3.57 -11.21
C ALA B 79 -3.23 4.90 -11.43
N ARG B 80 -3.60 5.55 -10.32
CA ARG B 80 -4.08 6.92 -10.36
C ARG B 80 -3.49 7.69 -9.19
N ILE B 81 -3.49 9.02 -9.33
CA ILE B 81 -3.16 9.92 -8.24
C ILE B 81 -4.30 10.92 -8.09
N GLU B 82 -4.76 11.08 -6.86
CA GLU B 82 -5.87 11.97 -6.55
C GLU B 82 -5.44 12.94 -5.47
N VAL B 83 -6.05 14.13 -5.48
CA VAL B 83 -5.89 15.13 -4.44
C VAL B 83 -7.27 15.62 -4.07
N ASP B 84 -7.62 15.52 -2.80
CA ASP B 84 -8.94 15.92 -2.31
C ASP B 84 -10.04 15.20 -3.08
N GLY B 85 -9.79 13.94 -3.42
CA GLY B 85 -10.76 13.11 -4.09
C GLY B 85 -10.88 13.34 -5.58
N LYS B 86 -10.15 14.31 -6.14
CA LYS B 86 -10.22 14.60 -7.56
C LYS B 86 -8.98 14.09 -8.27
N LEU B 87 -9.20 13.55 -9.47
CA LEU B 87 -8.16 12.93 -10.26
C LEU B 87 -7.15 13.96 -10.74
N ARG B 88 -5.86 13.65 -10.58
CA ARG B 88 -4.77 14.48 -11.08
C ARG B 88 -3.90 13.79 -12.11
N PHE B 89 -3.71 12.48 -11.98
CA PHE B 89 -2.89 11.70 -12.90
C PHE B 89 -3.48 10.30 -12.96
N ILE B 90 -3.34 9.67 -14.14
CA ILE B 90 -3.91 8.34 -14.34
C ILE B 90 -3.15 7.66 -15.47
N THR B 91 -2.99 6.35 -15.37
CA THR B 91 -2.44 5.58 -16.48
C THR B 91 -3.48 5.48 -17.59
N ASP B 92 -3.04 5.65 -18.83
CA ASP B 92 -3.96 5.54 -19.96
C ASP B 92 -3.76 4.29 -20.79
N THR B 93 -2.86 3.38 -20.39
CA THR B 93 -2.69 2.12 -21.10
C THR B 93 -2.50 0.98 -20.12
N HIS B 94 -2.75 -0.24 -20.60
CA HIS B 94 -2.44 -1.45 -19.86
C HIS B 94 -0.94 -1.59 -19.67
N TYR B 95 -0.54 -2.05 -18.49
CA TYR B 95 0.81 -2.53 -18.25
C TYR B 95 0.70 -4.03 -17.98
N GLY B 96 1.02 -4.85 -18.96
CA GLY B 96 0.90 -6.29 -18.78
C GLY B 96 1.92 -6.81 -17.77
N VAL B 97 1.47 -7.76 -16.94
CA VAL B 97 2.33 -8.34 -15.90
C VAL B 97 2.10 -9.84 -15.79
N ILE B 98 3.08 -10.51 -15.17
CA ILE B 98 3.03 -11.91 -14.74
C ILE B 98 3.08 -12.88 -15.92
N THR B 99 2.03 -12.88 -16.73
CA THR B 99 1.90 -13.84 -17.82
C THR B 99 2.24 -13.24 -19.17
N ASP B 100 2.67 -12.00 -19.20
CA ASP B 100 3.09 -11.36 -20.43
C ASP B 100 4.39 -12.01 -20.90
N PRO B 101 4.82 -11.71 -22.13
CA PRO B 101 6.03 -12.36 -22.65
C PRO B 101 7.26 -12.15 -21.78
N GLU B 102 7.40 -10.99 -21.14
CA GLU B 102 8.55 -10.73 -20.29
C GLU B 102 8.34 -11.16 -18.85
N ALA B 103 7.22 -11.82 -18.55
CA ALA B 103 6.90 -12.27 -17.19
C ALA B 103 7.18 -11.14 -16.20
N THR B 104 6.54 -10.02 -16.46
CA THR B 104 6.91 -8.78 -15.80
C THR B 104 6.41 -8.77 -14.36
N LYS B 105 7.33 -8.44 -13.44
CA LYS B 105 7.03 -8.28 -12.03
C LYS B 105 7.40 -6.93 -11.48
N HIS B 106 8.04 -6.08 -12.29
CA HIS B 106 8.43 -4.74 -11.89
C HIS B 106 8.02 -3.78 -12.99
N VAL B 107 7.19 -2.79 -12.66
CA VAL B 107 6.55 -1.94 -13.66
C VAL B 107 6.78 -0.46 -13.38
N PRO B 108 7.59 0.24 -14.19
CA PRO B 108 7.64 1.70 -14.12
C PRO B 108 6.49 2.31 -14.92
N MET B 109 5.50 2.83 -14.22
CA MET B 109 4.32 3.38 -14.87
C MET B 109 4.47 4.87 -15.06
N MET B 110 4.03 5.35 -16.22
CA MET B 110 4.05 6.76 -16.55
C MET B 110 2.62 7.24 -16.73
N LEU B 111 2.17 8.11 -15.83
CA LEU B 111 0.80 8.57 -15.81
C LEU B 111 0.63 9.86 -16.60
N ILE B 112 -0.59 10.08 -17.06
CA ILE B 112 -1.01 11.26 -17.80
C ILE B 112 -1.66 12.22 -16.83
N GLY B 113 -1.32 13.51 -16.94
CA GLY B 113 -1.98 14.52 -16.12
C GLY B 113 -3.34 14.85 -16.70
N VAL B 114 -4.31 15.01 -15.81
CA VAL B 114 -5.70 15.25 -16.19
C VAL B 114 -6.30 16.30 -15.25
N HIS B 115 -7.43 16.85 -15.68
CA HIS B 115 -8.18 17.82 -14.90
C HIS B 115 -9.58 17.91 -15.46
N GLY B 116 -10.53 18.26 -14.60
CA GLY B 116 -11.88 18.57 -15.01
C GLY B 116 -12.12 20.07 -14.98
N GLU B 117 -13.33 20.45 -15.37
CA GLU B 117 -13.71 21.86 -15.37
C GLU B 117 -13.79 22.41 -13.94
#